data_1E5M
#
_entry.id   1E5M
#
_cell.length_a   100.800
_cell.length_b   100.800
_cell.length_c   74.700
_cell.angle_alpha   90.00
_cell.angle_beta   90.00
_cell.angle_gamma   120.00
#
_symmetry.space_group_name_H-M   'P 31 2 1'
#
loop_
_entity.id
_entity.type
_entity.pdbx_description
1 polymer 'BETA KETOACYL ACYL CARRIER PROTEIN SYNTHASE II'
2 water water
#
_entity_poly.entity_id   1
_entity_poly.type   'polypeptide(L)'
_entity_poly.pdbx_seq_one_letter_code
;MANLEKKRVVVTGLGAITPIGNTLQDYWQGLMEGRNGIGPITRFDASDQACRFGGEVKDFDATQFLDRKEAKRMDRFCHF
AVCASQQAINDAKLVINELNADEIGVLIGTGIGGLKVLEDQQTILLDKGPSRCSPFMIPMMIANMASGLTAINLGAKGPN
NCTVTACAAGSNAIGDAFRLVQNGYAKAMICGGTEAAITPLSYAGFASARALSFRNDDPLHASRPFDKDRDGFVMGEGSG
ILILEELESALARGAKIYGEMVGYAMTCDAYHITAPVPDGRGATRAIAWALKDSGLKPEMVSYINAHGTSTPANDVTETR
AIKQALGNHAYNIAVSSTKSMTGHLLGGSGGIEAVATVMAIAEDKVPPTINLENPDPECDLDYVPGQSRALIVDVALSNS
FGFGGHNVTLAFKKYQ
;
_entity_poly.pdbx_strand_id   A
#
# COMPACT_ATOMS: atom_id res chain seq x y z
N LYS A 6 -1.66 0.11 27.16
CA LYS A 6 -1.99 0.29 25.72
C LYS A 6 -3.19 -0.58 25.34
N LYS A 7 -4.10 -0.01 24.58
CA LYS A 7 -5.28 -0.76 24.14
C LYS A 7 -4.84 -1.72 23.05
N ARG A 8 -5.51 -2.86 22.95
CA ARG A 8 -5.21 -3.82 21.90
C ARG A 8 -5.99 -3.39 20.68
N VAL A 9 -5.40 -3.61 19.51
CA VAL A 9 -6.03 -3.19 18.25
C VAL A 9 -6.18 -4.35 17.28
N VAL A 10 -7.41 -4.59 16.84
CA VAL A 10 -7.67 -5.66 15.88
C VAL A 10 -8.12 -5.09 14.55
N VAL A 11 -7.91 -5.87 13.48
CA VAL A 11 -8.31 -5.46 12.14
C VAL A 11 -9.68 -6.10 11.92
N THR A 12 -10.70 -5.26 11.77
CA THR A 12 -12.06 -5.73 11.64
C THR A 12 -12.72 -5.53 10.28
N GLY A 13 -12.00 -4.92 9.35
CA GLY A 13 -12.56 -4.71 8.03
C GLY A 13 -11.46 -4.41 7.02
N LEU A 14 -11.69 -4.80 5.78
CA LEU A 14 -10.71 -4.58 4.72
C LEU A 14 -11.40 -4.17 3.42
N GLY A 15 -10.75 -3.29 2.67
CA GLY A 15 -11.30 -2.85 1.40
C GLY A 15 -10.15 -2.67 0.43
N ALA A 16 -10.40 -2.88 -0.86
CA ALA A 16 -9.33 -2.74 -1.82
C ALA A 16 -9.80 -2.57 -3.26
N ILE A 17 -9.12 -1.67 -3.97
CA ILE A 17 -9.39 -1.42 -5.38
C ILE A 17 -7.98 -1.48 -5.96
N THR A 18 -7.72 -2.49 -6.77
CA THR A 18 -6.39 -2.71 -7.33
C THR A 18 -6.36 -3.13 -8.80
N PRO A 19 -5.16 -3.18 -9.39
CA PRO A 19 -5.02 -3.57 -10.80
C PRO A 19 -5.42 -5.02 -11.05
N ILE A 20 -5.63 -5.80 -10.00
CA ILE A 20 -6.03 -7.20 -10.16
C ILE A 20 -7.37 -7.54 -9.49
N GLY A 21 -8.14 -6.53 -9.12
CA GLY A 21 -9.41 -6.77 -8.48
C GLY A 21 -9.93 -5.50 -7.83
N ASN A 22 -11.22 -5.21 -8.01
CA ASN A 22 -11.82 -3.99 -7.46
C ASN A 22 -12.56 -4.16 -6.15
N THR A 23 -12.44 -5.34 -5.55
CA THR A 23 -13.07 -5.61 -4.26
C THR A 23 -12.10 -6.46 -3.46
N LEU A 24 -12.33 -6.57 -2.16
CA LEU A 24 -11.47 -7.37 -1.31
C LEU A 24 -11.40 -8.80 -1.85
N GLN A 25 -12.57 -9.38 -2.12
CA GLN A 25 -12.65 -10.74 -2.63
C GLN A 25 -11.92 -10.93 -3.95
N ASP A 26 -12.13 -10.02 -4.90
CA ASP A 26 -11.47 -10.12 -6.20
C ASP A 26 -9.97 -9.92 -6.09
N TYR A 27 -9.57 -9.00 -5.22
CA TYR A 27 -8.15 -8.73 -5.02
C TYR A 27 -7.46 -9.96 -4.43
N TRP A 28 -8.06 -10.54 -3.40
CA TRP A 28 -7.45 -11.71 -2.77
C TRP A 28 -7.43 -12.90 -3.71
N GLN A 29 -8.51 -13.11 -4.45
N GLN A 29 -8.51 -13.10 -4.45
CA GLN A 29 -8.57 -14.22 -5.39
CA GLN A 29 -8.58 -14.21 -5.39
C GLN A 29 -7.49 -14.02 -6.44
C GLN A 29 -7.50 -14.01 -6.45
N GLY A 30 -7.31 -12.77 -6.86
CA GLY A 30 -6.30 -12.46 -7.86
C GLY A 30 -4.91 -12.80 -7.31
N LEU A 31 -4.65 -12.41 -6.07
CA LEU A 31 -3.36 -12.70 -5.46
C LEU A 31 -3.16 -14.21 -5.37
N MET A 32 -4.20 -14.94 -4.99
CA MET A 32 -4.09 -16.39 -4.87
C MET A 32 -3.87 -17.09 -6.21
N GLU A 33 -4.29 -16.46 -7.30
CA GLU A 33 -4.14 -17.03 -8.63
C GLU A 33 -2.94 -16.44 -9.39
N GLY A 34 -2.18 -15.58 -8.72
CA GLY A 34 -1.04 -14.96 -9.37
C GLY A 34 -1.47 -14.12 -10.56
N ARG A 35 -2.63 -13.47 -10.43
CA ARG A 35 -3.18 -12.63 -11.48
C ARG A 35 -2.22 -11.48 -11.80
N ASN A 36 -2.03 -11.23 -13.09
CA ASN A 36 -1.13 -10.17 -13.55
C ASN A 36 -1.92 -8.92 -13.91
N GLY A 37 -1.69 -7.82 -13.18
CA GLY A 37 -2.43 -6.61 -13.46
C GLY A 37 -1.71 -5.61 -14.34
N ILE A 38 -0.57 -5.99 -14.90
CA ILE A 38 0.21 -5.08 -15.73
C ILE A 38 -0.11 -5.18 -17.22
N GLY A 39 -0.19 -4.02 -17.86
CA GLY A 39 -0.47 -3.98 -19.29
C GLY A 39 -0.20 -2.61 -19.87
N PRO A 40 -0.36 -2.44 -21.18
CA PRO A 40 -0.10 -1.12 -21.78
C PRO A 40 -1.00 -0.04 -21.18
N ILE A 41 -0.47 1.17 -21.08
CA ILE A 41 -1.21 2.29 -20.52
C ILE A 41 -2.38 2.65 -21.44
N THR A 42 -3.53 2.92 -20.83
CA THR A 42 -4.72 3.30 -21.60
C THR A 42 -5.32 4.58 -21.07
N ARG A 43 -4.99 4.95 -19.83
CA ARG A 43 -5.53 6.15 -19.22
C ARG A 43 -5.04 7.42 -19.90
N PHE A 44 -3.96 7.30 -20.67
CA PHE A 44 -3.42 8.42 -21.42
C PHE A 44 -2.53 7.88 -22.54
N ASP A 45 -2.22 8.73 -23.50
CA ASP A 45 -1.37 8.33 -24.63
C ASP A 45 0.08 8.36 -24.19
N ALA A 46 0.64 7.19 -23.92
CA ALA A 46 2.03 7.09 -23.47
C ALA A 46 3.01 6.78 -24.60
N SER A 47 2.60 7.04 -25.83
N SER A 47 2.60 7.04 -25.83
CA SER A 47 3.44 6.77 -27.00
CA SER A 47 3.44 6.78 -26.99
C SER A 47 4.79 7.48 -26.93
C SER A 47 4.79 7.48 -26.93
N ASP A 48 4.83 8.65 -26.31
CA ASP A 48 6.07 9.42 -26.19
C ASP A 48 6.81 9.24 -24.88
N GLN A 49 6.42 8.23 -24.10
CA GLN A 49 7.04 7.95 -22.81
C GLN A 49 8.08 6.83 -22.91
N ALA A 50 9.03 6.83 -21.98
CA ALA A 50 10.08 5.81 -21.94
C ALA A 50 9.49 4.50 -21.42
N CYS A 51 8.46 4.62 -20.57
CA CYS A 51 7.76 3.47 -20.02
C CYS A 51 6.32 3.62 -20.48
N ARG A 52 5.79 2.60 -21.15
CA ARG A 52 4.45 2.70 -21.68
C ARG A 52 3.46 1.65 -21.16
N PHE A 53 3.71 1.16 -19.95
CA PHE A 53 2.84 0.17 -19.34
C PHE A 53 2.77 0.40 -17.83
N GLY A 54 1.81 -0.26 -17.19
CA GLY A 54 1.64 -0.11 -15.75
C GLY A 54 0.47 -0.92 -15.25
N GLY A 55 0.16 -0.78 -13.96
CA GLY A 55 -0.94 -1.50 -13.38
C GLY A 55 -2.13 -0.57 -13.16
N GLU A 56 -3.05 -0.56 -14.10
CA GLU A 56 -4.22 0.31 -13.99
C GLU A 56 -5.40 -0.43 -13.38
N VAL A 57 -6.26 0.32 -12.72
CA VAL A 57 -7.47 -0.25 -12.15
C VAL A 57 -8.40 -0.28 -13.36
N LYS A 58 -9.00 -1.45 -13.61
N LYS A 58 -9.00 -1.45 -13.61
CA LYS A 58 -9.89 -1.63 -14.75
CA LYS A 58 -9.90 -1.62 -14.75
C LYS A 58 -11.34 -1.87 -14.34
C LYS A 58 -11.34 -1.82 -14.31
N ASP A 59 -12.27 -1.50 -15.22
CA ASP A 59 -13.69 -1.67 -14.97
C ASP A 59 -14.18 -1.09 -13.65
N PHE A 60 -13.69 0.11 -13.33
CA PHE A 60 -14.09 0.77 -12.10
C PHE A 60 -14.83 2.07 -12.41
N ASP A 61 -16.03 2.19 -11.88
CA ASP A 61 -16.85 3.38 -12.09
C ASP A 61 -17.22 3.95 -10.73
N ALA A 62 -16.55 5.04 -10.35
CA ALA A 62 -16.80 5.67 -9.06
C ALA A 62 -18.26 6.03 -8.81
N THR A 63 -18.99 6.39 -9.86
CA THR A 63 -20.39 6.78 -9.71
C THR A 63 -21.29 5.63 -9.30
N GLN A 64 -20.75 4.41 -9.30
CA GLN A 64 -21.53 3.25 -8.90
C GLN A 64 -21.62 3.24 -7.38
N PHE A 65 -20.67 3.93 -6.73
CA PHE A 65 -20.61 3.96 -5.27
C PHE A 65 -20.71 5.35 -4.67
N LEU A 66 -20.54 6.37 -5.50
CA LEU A 66 -20.58 7.74 -5.00
C LEU A 66 -21.63 8.60 -5.66
N ASP A 67 -22.09 9.60 -4.92
CA ASP A 67 -23.06 10.55 -5.41
C ASP A 67 -22.40 11.18 -6.65
N ARG A 68 -23.16 11.37 -7.72
CA ARG A 68 -22.58 11.92 -8.94
C ARG A 68 -21.86 13.26 -8.79
N LYS A 69 -22.52 14.23 -8.17
CA LYS A 69 -21.88 15.53 -8.00
C LYS A 69 -20.61 15.44 -7.15
N GLU A 70 -20.66 14.65 -6.09
CA GLU A 70 -19.49 14.49 -5.24
C GLU A 70 -18.33 13.83 -6.01
N ALA A 71 -18.65 12.79 -6.77
CA ALA A 71 -17.63 12.10 -7.56
C ALA A 71 -16.98 13.05 -8.56
N LYS A 72 -17.80 13.91 -9.16
CA LYS A 72 -17.31 14.87 -10.14
C LYS A 72 -16.38 15.90 -9.50
N ARG A 73 -16.58 16.16 -8.21
CA ARG A 73 -15.75 17.12 -7.49
C ARG A 73 -14.57 16.52 -6.72
N MET A 74 -14.06 15.39 -7.18
CA MET A 74 -12.90 14.80 -6.54
C MET A 74 -12.08 14.04 -7.57
N ASP A 75 -10.78 13.93 -7.30
CA ASP A 75 -9.87 13.25 -8.21
C ASP A 75 -9.91 11.75 -8.00
N ARG A 76 -9.37 11.03 -8.97
CA ARG A 76 -9.32 9.57 -8.93
C ARG A 76 -8.69 9.02 -7.66
N PHE A 77 -7.64 9.66 -7.14
CA PHE A 77 -7.03 9.12 -5.93
C PHE A 77 -8.02 9.15 -4.77
N CYS A 78 -8.97 10.08 -4.82
CA CYS A 78 -9.98 10.16 -3.78
C CYS A 78 -11.10 9.16 -4.08
N HIS A 79 -11.41 8.96 -5.35
CA HIS A 79 -12.43 7.97 -5.73
C HIS A 79 -12.01 6.64 -5.11
N PHE A 80 -10.74 6.27 -5.29
CA PHE A 80 -10.23 5.00 -4.74
C PHE A 80 -10.33 4.95 -3.23
N ALA A 81 -9.85 5.99 -2.55
CA ALA A 81 -9.86 6.04 -1.10
C ALA A 81 -11.27 5.94 -0.51
N VAL A 82 -12.19 6.75 -1.00
CA VAL A 82 -13.54 6.73 -0.48
C VAL A 82 -14.24 5.40 -0.74
N CYS A 83 -14.14 4.89 -1.97
CA CYS A 83 -14.79 3.63 -2.29
C CYS A 83 -14.18 2.44 -1.55
N ALA A 84 -12.86 2.42 -1.42
CA ALA A 84 -12.22 1.33 -0.69
C ALA A 84 -12.58 1.41 0.79
N SER A 85 -12.77 2.63 1.29
CA SER A 85 -13.14 2.83 2.68
C SER A 85 -14.56 2.34 2.93
N GLN A 86 -15.46 2.61 1.97
CA GLN A 86 -16.85 2.14 2.10
C GLN A 86 -16.80 0.62 2.19
N GLN A 87 -15.98 0.01 1.34
CA GLN A 87 -15.83 -1.44 1.33
C GLN A 87 -15.44 -1.95 2.72
N ALA A 88 -14.42 -1.31 3.30
CA ALA A 88 -13.93 -1.72 4.60
C ALA A 88 -14.98 -1.59 5.70
N ILE A 89 -15.72 -0.49 5.68
CA ILE A 89 -16.77 -0.27 6.67
C ILE A 89 -17.88 -1.31 6.52
N ASN A 90 -18.26 -1.61 5.29
CA ASN A 90 -19.30 -2.61 5.05
C ASN A 90 -18.82 -3.98 5.46
N ASP A 91 -17.56 -4.28 5.16
CA ASP A 91 -16.97 -5.56 5.51
C ASP A 91 -16.98 -5.71 7.04
N ALA A 92 -16.69 -4.63 7.73
CA ALA A 92 -16.64 -4.65 9.19
C ALA A 92 -18.03 -4.59 9.84
N LYS A 93 -19.03 -4.19 9.05
CA LYS A 93 -20.39 -4.05 9.54
C LYS A 93 -20.40 -2.99 10.65
N LEU A 94 -19.49 -2.02 10.54
CA LEU A 94 -19.38 -0.95 11.52
C LEU A 94 -20.38 0.16 11.21
N VAL A 95 -21.29 0.40 12.14
CA VAL A 95 -22.29 1.44 11.96
C VAL A 95 -21.81 2.72 12.62
N ILE A 96 -21.66 3.76 11.81
CA ILE A 96 -21.21 5.07 12.30
C ILE A 96 -22.41 6.00 12.40
N ASN A 97 -22.70 6.46 13.60
CA ASN A 97 -23.81 7.39 13.80
C ASN A 97 -23.39 8.47 14.78
N GLU A 98 -24.30 9.38 15.11
CA GLU A 98 -23.99 10.47 16.01
C GLU A 98 -23.40 10.03 17.34
N LEU A 99 -23.77 8.83 17.78
CA LEU A 99 -23.30 8.32 19.07
C LEU A 99 -21.84 7.87 19.13
N ASN A 100 -21.27 7.45 18.01
CA ASN A 100 -19.86 7.02 18.02
C ASN A 100 -18.99 7.73 16.99
N ALA A 101 -19.58 8.66 16.25
CA ALA A 101 -18.84 9.38 15.22
C ALA A 101 -17.59 10.08 15.72
N ASP A 102 -17.65 10.65 16.92
CA ASP A 102 -16.50 11.36 17.47
C ASP A 102 -15.32 10.48 17.84
N GLU A 103 -15.53 9.17 17.93
CA GLU A 103 -14.46 8.25 18.31
C GLU A 103 -13.94 7.44 17.13
N ILE A 104 -14.36 7.81 15.93
CA ILE A 104 -13.93 7.11 14.71
C ILE A 104 -13.28 8.10 13.75
N GLY A 105 -12.00 7.89 13.45
CA GLY A 105 -11.29 8.79 12.56
C GLY A 105 -10.87 8.17 11.24
N VAL A 106 -10.14 8.96 10.46
CA VAL A 106 -9.67 8.53 9.15
C VAL A 106 -8.21 8.95 8.97
N LEU A 107 -7.40 8.04 8.45
CA LEU A 107 -5.99 8.35 8.20
C LEU A 107 -5.58 7.63 6.93
N ILE A 108 -5.68 8.33 5.81
CA ILE A 108 -5.34 7.75 4.51
C ILE A 108 -4.18 8.52 3.91
N GLY A 109 -3.10 7.80 3.64
CA GLY A 109 -1.94 8.43 3.06
C GLY A 109 -1.89 8.30 1.55
N THR A 110 -1.03 9.09 0.94
CA THR A 110 -0.84 9.05 -0.51
C THR A 110 0.55 9.61 -0.74
N GLY A 111 1.14 9.26 -1.88
CA GLY A 111 2.48 9.78 -2.17
C GLY A 111 2.47 11.04 -3.00
N ILE A 112 1.56 11.11 -3.97
CA ILE A 112 1.50 12.27 -4.86
C ILE A 112 0.17 12.99 -4.89
N GLY A 113 -0.91 12.32 -4.49
CA GLY A 113 -2.19 12.99 -4.48
C GLY A 113 -2.80 13.26 -5.84
N GLY A 114 -3.47 14.41 -5.98
CA GLY A 114 -4.13 14.75 -7.23
C GLY A 114 -3.26 15.36 -8.32
N LEU A 115 -2.28 14.61 -8.79
CA LEU A 115 -1.38 15.12 -9.83
C LEU A 115 -2.13 15.44 -11.11
N LYS A 116 -3.12 14.61 -11.45
CA LYS A 116 -3.92 14.80 -12.65
C LYS A 116 -4.53 16.21 -12.66
N VAL A 117 -5.07 16.63 -11.53
CA VAL A 117 -5.68 17.95 -11.43
C VAL A 117 -4.62 19.03 -11.67
N LEU A 118 -3.44 18.82 -11.08
CA LEU A 118 -2.33 19.75 -11.21
C LEU A 118 -1.94 19.93 -12.68
N GLU A 119 -1.84 18.82 -13.39
CA GLU A 119 -1.46 18.83 -14.80
C GLU A 119 -2.53 19.47 -15.67
N ASP A 120 -3.78 19.10 -15.46
CA ASP A 120 -4.89 19.66 -16.24
C ASP A 120 -5.00 21.17 -16.02
N GLN A 121 -4.85 21.59 -14.77
CA GLN A 121 -4.97 23.01 -14.45
C GLN A 121 -3.78 23.85 -14.89
N GLN A 122 -2.58 23.27 -14.87
CA GLN A 122 -1.40 24.01 -15.30
C GLN A 122 -1.51 24.20 -16.81
N THR A 123 -2.05 23.19 -17.49
CA THR A 123 -2.22 23.25 -18.93
C THR A 123 -3.19 24.38 -19.26
N ILE A 124 -4.25 24.49 -18.46
CA ILE A 124 -5.24 25.55 -18.65
C ILE A 124 -4.61 26.91 -18.37
N LEU A 125 -3.87 27.01 -17.28
CA LEU A 125 -3.22 28.26 -16.93
C LEU A 125 -2.33 28.78 -18.06
N LEU A 126 -1.52 27.88 -18.62
CA LEU A 126 -0.61 28.25 -19.72
C LEU A 126 -1.34 28.60 -21.01
N ASP A 127 -2.46 27.94 -21.26
CA ASP A 127 -3.22 28.16 -22.49
C ASP A 127 -4.32 29.22 -22.43
N LYS A 128 -5.01 29.32 -21.31
CA LYS A 128 -6.10 30.29 -21.17
C LYS A 128 -5.86 31.38 -20.13
N GLY A 129 -4.89 31.18 -19.25
CA GLY A 129 -4.63 32.18 -18.23
C GLY A 129 -5.14 31.72 -16.88
N PRO A 130 -4.59 32.25 -15.77
CA PRO A 130 -5.01 31.86 -14.42
C PRO A 130 -6.49 32.02 -14.11
N SER A 131 -7.14 32.99 -14.75
CA SER A 131 -8.56 33.24 -14.50
C SER A 131 -9.46 32.08 -14.93
N ARG A 132 -8.96 31.24 -15.82
CA ARG A 132 -9.75 30.10 -16.31
C ARG A 132 -9.58 28.82 -15.51
N CYS A 133 -8.71 28.85 -14.50
CA CYS A 133 -8.49 27.66 -13.68
C CYS A 133 -9.71 27.37 -12.82
N SER A 134 -9.96 26.08 -12.59
CA SER A 134 -11.10 25.64 -11.80
C SER A 134 -11.11 26.11 -10.35
N PRO A 135 -12.28 26.52 -9.84
CA PRO A 135 -12.37 26.97 -8.45
C PRO A 135 -12.23 25.78 -7.51
N PHE A 136 -12.27 24.58 -8.07
CA PHE A 136 -12.17 23.36 -7.28
C PHE A 136 -10.79 22.72 -7.35
N MET A 137 -9.84 23.42 -7.96
CA MET A 137 -8.48 22.90 -8.10
C MET A 137 -7.87 22.44 -6.79
N ILE A 138 -7.81 23.35 -5.82
CA ILE A 138 -7.21 23.04 -4.53
C ILE A 138 -7.86 21.89 -3.76
N PRO A 139 -9.19 21.94 -3.56
CA PRO A 139 -9.87 20.86 -2.83
C PRO A 139 -9.95 19.52 -3.57
N MET A 140 -9.39 19.46 -4.77
CA MET A 140 -9.40 18.21 -5.52
C MET A 140 -7.97 17.71 -5.67
N MET A 141 -7.02 18.62 -5.53
N MET A 141 -6.99 18.61 -5.54
CA MET A 141 -5.61 18.32 -5.72
CA MET A 141 -5.59 18.22 -5.71
C MET A 141 -4.81 17.91 -4.48
C MET A 141 -4.82 17.86 -4.45
N ILE A 142 -4.98 18.63 -3.37
CA ILE A 142 -4.24 18.34 -2.14
C ILE A 142 -4.39 16.94 -1.57
N ALA A 143 -3.27 16.40 -1.11
CA ALA A 143 -3.18 15.04 -0.58
C ALA A 143 -4.17 14.63 0.51
N ASN A 144 -4.46 15.56 1.42
CA ASN A 144 -5.37 15.26 2.52
C ASN A 144 -6.84 15.14 2.13
N MET A 145 -7.15 15.39 0.87
CA MET A 145 -8.54 15.30 0.43
C MET A 145 -9.09 13.88 0.51
N ALA A 146 -8.21 12.87 0.41
CA ALA A 146 -8.67 11.50 0.51
C ALA A 146 -9.24 11.26 1.90
N SER A 147 -8.49 11.65 2.92
CA SER A 147 -8.96 11.49 4.29
C SER A 147 -10.19 12.36 4.58
N GLY A 148 -10.13 13.60 4.11
CA GLY A 148 -11.23 14.53 4.34
C GLY A 148 -12.54 14.10 3.69
N LEU A 149 -12.47 13.71 2.42
CA LEU A 149 -13.67 13.29 1.71
C LEU A 149 -14.20 11.97 2.26
N THR A 150 -13.31 11.09 2.69
CA THR A 150 -13.73 9.82 3.25
C THR A 150 -14.48 10.06 4.57
N ALA A 151 -13.98 10.98 5.40
CA ALA A 151 -14.64 11.30 6.66
C ALA A 151 -16.04 11.85 6.40
N ILE A 152 -16.15 12.75 5.44
CA ILE A 152 -17.45 13.33 5.12
C ILE A 152 -18.42 12.25 4.61
N ASN A 153 -17.93 11.36 3.76
CA ASN A 153 -18.76 10.31 3.21
C ASN A 153 -19.26 9.33 4.26
N LEU A 154 -18.37 8.97 5.20
CA LEU A 154 -18.70 8.00 6.24
C LEU A 154 -19.22 8.58 7.56
N GLY A 155 -19.04 9.89 7.74
CA GLY A 155 -19.49 10.54 8.95
C GLY A 155 -18.53 10.37 10.13
N ALA A 156 -17.26 10.14 9.84
CA ALA A 156 -16.24 9.96 10.88
C ALA A 156 -15.75 11.31 11.39
N LYS A 157 -15.95 11.58 12.68
CA LYS A 157 -15.56 12.86 13.24
C LYS A 157 -14.34 12.80 14.16
N GLY A 158 -13.66 11.67 14.20
CA GLY A 158 -12.48 11.54 15.03
C GLY A 158 -11.26 12.10 14.33
N PRO A 159 -10.06 11.81 14.86
CA PRO A 159 -8.81 12.31 14.25
C PRO A 159 -8.78 12.08 12.75
N ASN A 160 -8.42 13.10 12.00
CA ASN A 160 -8.34 13.00 10.55
C ASN A 160 -6.98 13.53 10.15
N ASN A 161 -6.10 12.62 9.71
CA ASN A 161 -4.75 13.00 9.34
C ASN A 161 -4.38 12.37 8.01
N CYS A 162 -3.21 12.74 7.50
CA CYS A 162 -2.73 12.23 6.23
C CYS A 162 -1.22 12.21 6.21
N THR A 163 -0.66 11.03 6.00
CA THR A 163 0.79 10.88 5.95
C THR A 163 1.23 10.77 4.51
N VAL A 164 2.21 11.58 4.12
CA VAL A 164 2.73 11.56 2.77
C VAL A 164 4.22 11.24 2.87
N THR A 165 4.55 9.97 2.70
CA THR A 165 5.93 9.51 2.77
C THR A 165 6.24 8.60 1.59
N ALA A 166 5.82 9.02 0.41
CA ALA A 166 6.06 8.25 -0.82
C ALA A 166 5.58 6.81 -0.71
N CYS A 167 6.47 5.86 -1.02
CA CYS A 167 6.16 4.44 -0.98
C CYS A 167 5.67 3.95 0.38
N ALA A 168 5.95 4.71 1.43
CA ALA A 168 5.56 4.33 2.76
C ALA A 168 4.31 5.03 3.28
N ALA A 169 3.72 5.88 2.45
CA ALA A 169 2.54 6.64 2.88
C ALA A 169 1.44 5.82 3.51
N GLY A 170 1.06 4.72 2.85
CA GLY A 170 0.01 3.88 3.37
C GLY A 170 0.39 3.15 4.63
N SER A 171 1.67 2.77 4.76
CA SER A 171 2.13 2.06 5.93
C SER A 171 2.21 3.00 7.12
N ASN A 172 2.70 4.21 6.89
CA ASN A 172 2.77 5.19 7.96
C ASN A 172 1.35 5.57 8.41
N ALA A 173 0.42 5.61 7.48
CA ALA A 173 -0.96 5.96 7.82
C ALA A 173 -1.55 4.92 8.75
N ILE A 174 -1.37 3.65 8.40
CA ILE A 174 -1.89 2.55 9.21
C ILE A 174 -1.18 2.50 10.56
N GLY A 175 0.14 2.73 10.53
CA GLY A 175 0.89 2.72 11.77
C GLY A 175 0.46 3.84 12.70
N ASP A 176 0.30 5.04 12.15
CA ASP A 176 -0.12 6.15 12.99
C ASP A 176 -1.55 5.95 13.51
N ALA A 177 -2.41 5.34 12.70
CA ALA A 177 -3.79 5.08 13.12
C ALA A 177 -3.76 4.07 14.26
N PHE A 178 -2.86 3.10 14.14
CA PHE A 178 -2.67 2.07 15.15
C PHE A 178 -2.34 2.72 16.49
N ARG A 179 -1.45 3.71 16.48
CA ARG A 179 -1.09 4.40 17.71
C ARG A 179 -2.28 5.14 18.31
N LEU A 180 -3.09 5.75 17.46
CA LEU A 180 -4.26 6.48 17.93
C LEU A 180 -5.18 5.57 18.72
N VAL A 181 -5.39 4.35 18.22
CA VAL A 181 -6.26 3.40 18.89
C VAL A 181 -5.56 2.87 20.15
N GLN A 182 -4.28 2.55 20.04
CA GLN A 182 -3.52 2.06 21.19
C GLN A 182 -3.57 3.05 22.36
N ASN A 183 -3.45 4.33 22.04
CA ASN A 183 -3.43 5.37 23.05
C ASN A 183 -4.77 5.95 23.45
N GLY A 184 -5.85 5.37 22.93
CA GLY A 184 -7.18 5.81 23.28
C GLY A 184 -7.73 7.07 22.65
N TYR A 185 -7.09 7.55 21.58
CA TYR A 185 -7.57 8.77 20.93
C TYR A 185 -8.65 8.49 19.91
N ALA A 186 -8.91 7.21 19.67
CA ALA A 186 -9.94 6.77 18.74
C ALA A 186 -10.32 5.34 19.07
N LYS A 187 -11.58 4.99 18.89
CA LYS A 187 -12.04 3.63 19.14
C LYS A 187 -11.88 2.83 17.85
N ALA A 188 -11.90 3.52 16.73
CA ALA A 188 -11.72 2.88 15.43
C ALA A 188 -11.13 3.87 14.45
N MET A 189 -10.36 3.38 13.50
CA MET A 189 -9.73 4.22 12.48
C MET A 189 -9.84 3.58 11.11
N ILE A 190 -10.28 4.36 10.13
CA ILE A 190 -10.38 3.92 8.75
C ILE A 190 -9.02 4.40 8.22
N CYS A 191 -8.15 3.47 7.86
CA CYS A 191 -6.80 3.86 7.43
C CYS A 191 -6.20 3.04 6.31
N GLY A 192 -5.20 3.61 5.65
CA GLY A 192 -4.57 2.92 4.55
C GLY A 192 -3.91 3.90 3.62
N GLY A 193 -3.86 3.56 2.33
CA GLY A 193 -3.25 4.45 1.37
C GLY A 193 -3.96 4.41 0.04
N THR A 194 -3.69 5.42 -0.78
CA THR A 194 -4.30 5.50 -2.10
C THR A 194 -3.36 6.23 -3.05
N GLU A 195 -3.48 5.93 -4.34
CA GLU A 195 -2.66 6.59 -5.34
C GLU A 195 -3.29 6.42 -6.71
N ALA A 196 -3.25 7.49 -7.50
CA ALA A 196 -3.76 7.47 -8.86
C ALA A 196 -2.81 8.42 -9.58
N ALA A 197 -1.57 7.97 -9.74
CA ALA A 197 -0.53 8.77 -10.36
C ALA A 197 -0.08 8.23 -11.72
N ILE A 198 -0.95 7.53 -12.42
CA ILE A 198 -0.60 7.04 -13.73
C ILE A 198 -1.00 8.18 -14.67
N THR A 199 -0.11 9.15 -14.77
CA THR A 199 -0.33 10.33 -15.60
C THR A 199 0.93 10.63 -16.41
N PRO A 200 0.82 11.50 -17.43
CA PRO A 200 1.97 11.84 -18.26
C PRO A 200 3.14 12.45 -17.47
N LEU A 201 2.86 13.35 -16.54
CA LEU A 201 3.92 13.99 -15.78
C LEU A 201 4.60 13.04 -14.78
N SER A 202 3.80 12.19 -14.14
N SER A 202 3.82 12.20 -14.13
CA SER A 202 4.33 11.24 -13.17
CA SER A 202 4.38 11.26 -13.17
C SER A 202 5.26 10.27 -13.87
C SER A 202 5.29 10.28 -13.90
N TYR A 203 4.81 9.76 -15.02
CA TYR A 203 5.60 8.83 -15.81
C TYR A 203 6.83 9.52 -16.35
N ALA A 204 6.69 10.78 -16.75
CA ALA A 204 7.83 11.52 -17.26
C ALA A 204 8.89 11.66 -16.17
N GLY A 205 8.44 11.98 -14.96
CA GLY A 205 9.36 12.14 -13.84
C GLY A 205 10.05 10.87 -13.37
N PHE A 206 9.29 9.79 -13.22
CA PHE A 206 9.87 8.54 -12.78
C PHE A 206 10.73 7.92 -13.88
N ALA A 207 10.35 8.15 -15.14
CA ALA A 207 11.13 7.61 -16.25
C ALA A 207 12.44 8.39 -16.39
N SER A 208 12.37 9.70 -16.22
CA SER A 208 13.56 10.53 -16.33
C SER A 208 14.58 10.13 -15.26
N ALA A 209 14.06 9.75 -14.09
CA ALA A 209 14.92 9.33 -12.97
C ALA A 209 15.41 7.91 -13.21
N ARG A 210 14.99 7.30 -14.31
CA ARG A 210 15.37 5.94 -14.66
C ARG A 210 14.93 4.97 -13.57
N ALA A 211 13.83 5.28 -12.89
CA ALA A 211 13.32 4.45 -11.82
C ALA A 211 12.36 3.36 -12.30
N LEU A 212 11.69 3.63 -13.42
CA LEU A 212 10.72 2.69 -13.97
C LEU A 212 11.35 1.66 -14.90
N SER A 213 10.72 0.49 -14.96
CA SER A 213 11.18 -0.56 -15.86
C SER A 213 10.91 -0.05 -17.27
N PHE A 214 11.78 -0.40 -18.21
CA PHE A 214 11.62 0.03 -19.59
C PHE A 214 11.39 -1.18 -20.49
N ARG A 215 10.89 -2.27 -19.92
CA ARG A 215 10.64 -3.49 -20.68
C ARG A 215 9.31 -3.40 -21.43
N ASN A 216 9.21 -2.41 -22.33
CA ASN A 216 8.00 -2.19 -23.10
C ASN A 216 7.63 -3.34 -24.03
N ASP A 217 8.62 -4.14 -24.39
CA ASP A 217 8.41 -5.27 -25.29
C ASP A 217 7.80 -6.48 -24.58
N ASP A 218 7.79 -6.45 -23.26
CA ASP A 218 7.25 -7.57 -22.48
C ASP A 218 6.72 -7.04 -21.14
N PRO A 219 5.71 -6.17 -21.18
CA PRO A 219 5.12 -5.59 -19.97
C PRO A 219 4.66 -6.59 -18.91
N LEU A 220 4.12 -7.72 -19.36
CA LEU A 220 3.63 -8.75 -18.43
C LEU A 220 4.71 -9.29 -17.50
N HIS A 221 5.98 -9.20 -17.91
CA HIS A 221 7.06 -9.71 -17.10
C HIS A 221 8.07 -8.64 -16.69
N ALA A 222 7.62 -7.40 -16.68
CA ALA A 222 8.48 -6.28 -16.30
C ALA A 222 8.70 -6.23 -14.79
N SER A 223 7.62 -6.38 -14.03
CA SER A 223 7.71 -6.36 -12.57
C SER A 223 8.15 -7.73 -12.10
N ARG A 224 9.42 -7.86 -11.74
CA ARG A 224 9.99 -9.13 -11.32
C ARG A 224 10.88 -8.96 -10.10
N PRO A 225 10.27 -8.71 -8.93
CA PRO A 225 11.02 -8.52 -7.69
C PRO A 225 12.02 -9.66 -7.43
N PHE A 226 13.23 -9.27 -7.03
CA PHE A 226 14.30 -10.21 -6.70
C PHE A 226 14.92 -10.94 -7.88
N ASP A 227 14.38 -10.76 -9.08
CA ASP A 227 14.92 -11.42 -10.26
C ASP A 227 16.18 -10.69 -10.75
N LYS A 228 17.17 -11.46 -11.20
CA LYS A 228 18.42 -10.87 -11.66
C LYS A 228 18.27 -9.89 -12.82
N ASP A 229 17.20 -10.04 -13.60
CA ASP A 229 16.98 -9.16 -14.74
C ASP A 229 16.01 -8.00 -14.49
N ARG A 230 15.70 -7.74 -13.23
CA ARG A 230 14.81 -6.63 -12.91
C ARG A 230 15.46 -5.32 -13.34
N ASP A 231 14.65 -4.34 -13.75
CA ASP A 231 15.20 -3.08 -14.22
C ASP A 231 14.38 -1.86 -13.83
N GLY A 232 13.78 -1.89 -12.64
CA GLY A 232 12.98 -0.76 -12.21
C GLY A 232 11.59 -1.17 -11.82
N PHE A 233 10.88 -0.31 -11.08
CA PHE A 233 9.53 -0.67 -10.67
C PHE A 233 8.50 -0.39 -11.74
N VAL A 234 7.34 -1.02 -11.60
CA VAL A 234 6.24 -0.84 -12.52
C VAL A 234 5.14 -0.19 -11.73
N MET A 235 4.77 1.02 -12.11
CA MET A 235 3.74 1.74 -11.38
C MET A 235 2.35 1.16 -11.50
N GLY A 236 1.62 1.24 -10.39
CA GLY A 236 0.25 0.76 -10.35
C GLY A 236 -0.56 1.83 -9.65
N GLU A 237 -1.88 1.67 -9.61
CA GLU A 237 -2.76 2.62 -8.95
C GLU A 237 -3.79 1.85 -8.15
N GLY A 238 -4.40 2.51 -7.17
CA GLY A 238 -5.40 1.85 -6.36
C GLY A 238 -5.35 2.27 -4.90
N SER A 239 -6.12 1.57 -4.07
CA SER A 239 -6.19 1.87 -2.65
C SER A 239 -6.47 0.62 -1.82
N GLY A 240 -5.88 0.60 -0.62
CA GLY A 240 -6.08 -0.49 0.30
C GLY A 240 -6.44 0.15 1.62
N ILE A 241 -7.53 -0.31 2.24
CA ILE A 241 -7.99 0.26 3.50
C ILE A 241 -8.27 -0.78 4.57
N LEU A 242 -7.92 -0.45 5.81
CA LEU A 242 -8.15 -1.31 6.96
C LEU A 242 -8.99 -0.57 7.98
N ILE A 243 -9.75 -1.33 8.74
CA ILE A 243 -10.50 -0.74 9.83
C ILE A 243 -9.77 -1.28 11.07
N LEU A 244 -9.14 -0.39 11.81
CA LEU A 244 -8.44 -0.75 13.03
C LEU A 244 -9.42 -0.41 14.14
N GLU A 245 -9.59 -1.32 15.10
CA GLU A 245 -10.55 -1.09 16.15
C GLU A 245 -10.06 -1.55 17.52
N GLU A 246 -10.41 -0.79 18.55
CA GLU A 246 -10.02 -1.15 19.92
C GLU A 246 -10.70 -2.48 20.21
N LEU A 247 -9.96 -3.42 20.78
CA LEU A 247 -10.47 -4.76 21.05
C LEU A 247 -11.79 -4.87 21.79
N GLU A 248 -11.92 -4.19 22.93
CA GLU A 248 -13.16 -4.27 23.70
C GLU A 248 -14.36 -3.77 22.91
N SER A 249 -14.19 -2.67 22.17
CA SER A 249 -15.28 -2.12 21.38
C SER A 249 -15.65 -3.08 20.27
N ALA A 250 -14.64 -3.69 19.65
CA ALA A 250 -14.87 -4.65 18.58
C ALA A 250 -15.64 -5.86 19.10
N LEU A 251 -15.20 -6.41 20.23
CA LEU A 251 -15.87 -7.58 20.80
C LEU A 251 -17.29 -7.27 21.22
N ALA A 252 -17.51 -6.09 21.78
CA ALA A 252 -18.83 -5.68 22.24
C ALA A 252 -19.88 -5.72 21.13
N ARG A 253 -19.47 -5.44 19.90
CA ARG A 253 -20.41 -5.46 18.79
C ARG A 253 -20.29 -6.73 17.95
N GLY A 254 -19.51 -7.69 18.44
CA GLY A 254 -19.33 -8.95 17.74
C GLY A 254 -18.66 -8.80 16.39
N ALA A 255 -17.73 -7.84 16.30
CA ALA A 255 -17.01 -7.57 15.07
C ALA A 255 -16.25 -8.75 14.50
N LYS A 256 -16.11 -8.75 13.19
CA LYS A 256 -15.35 -9.77 12.48
C LYS A 256 -13.90 -9.40 12.82
N ILE A 257 -13.05 -10.37 13.09
CA ILE A 257 -11.66 -10.08 13.40
C ILE A 257 -10.72 -10.90 12.54
N TYR A 258 -9.94 -10.22 11.72
CA TYR A 258 -8.98 -10.87 10.84
C TYR A 258 -7.71 -11.26 11.58
N GLY A 259 -7.30 -10.36 12.49
CA GLY A 259 -6.10 -10.59 13.26
C GLY A 259 -5.85 -9.36 14.13
N GLU A 260 -4.73 -9.35 14.82
CA GLU A 260 -4.40 -8.23 15.69
C GLU A 260 -3.16 -7.48 15.19
N MET A 261 -3.23 -6.15 15.18
CA MET A 261 -2.06 -5.39 14.78
C MET A 261 -1.26 -5.25 16.06
N VAL A 262 0.04 -5.52 15.99
CA VAL A 262 0.86 -5.49 17.20
C VAL A 262 2.14 -4.66 17.17
N GLY A 263 2.60 -4.29 15.99
CA GLY A 263 3.83 -3.52 15.92
C GLY A 263 3.94 -2.56 14.76
N TYR A 264 4.75 -1.53 14.96
CA TYR A 264 4.99 -0.49 13.97
C TYR A 264 6.33 0.16 14.31
N ALA A 265 7.19 0.30 13.31
CA ALA A 265 8.48 0.95 13.52
C ALA A 265 8.84 1.79 12.32
N MET A 266 9.47 2.93 12.59
CA MET A 266 9.91 3.88 11.57
C MET A 266 11.35 4.25 11.84
N THR A 267 12.20 4.19 10.81
CA THR A 267 13.59 4.60 10.94
C THR A 267 13.97 5.36 9.67
N CYS A 268 15.13 5.99 9.69
CA CYS A 268 15.59 6.75 8.54
C CYS A 268 17.09 6.54 8.34
N ASP A 269 17.51 6.33 7.08
CA ASP A 269 18.93 6.12 6.79
C ASP A 269 19.71 7.43 6.91
N ALA A 270 19.05 8.55 6.64
CA ALA A 270 19.69 9.86 6.66
C ALA A 270 20.93 9.71 5.79
N TYR A 271 20.75 9.01 4.68
CA TYR A 271 21.82 8.71 3.74
C TYR A 271 21.65 9.38 2.39
N HIS A 272 20.65 8.97 1.64
CA HIS A 272 20.37 9.51 0.32
C HIS A 272 18.86 9.67 0.19
N ILE A 273 18.44 10.66 -0.60
CA ILE A 273 17.02 10.94 -0.75
C ILE A 273 16.21 9.90 -1.52
N THR A 274 16.87 9.14 -2.39
CA THR A 274 16.17 8.11 -3.17
C THR A 274 16.86 6.76 -3.18
N ALA A 275 18.17 6.76 -2.95
CA ALA A 275 18.93 5.52 -2.94
C ALA A 275 19.06 4.95 -1.53
N PRO A 276 18.80 3.64 -1.37
CA PRO A 276 18.89 3.02 -0.04
C PRO A 276 20.35 2.83 0.37
N VAL A 277 20.60 2.87 1.67
CA VAL A 277 21.95 2.69 2.18
C VAL A 277 22.36 1.25 1.91
N PRO A 278 23.59 1.03 1.39
CA PRO A 278 24.12 -0.29 1.07
C PRO A 278 23.96 -1.39 2.11
N ASP A 279 24.32 -1.12 3.36
CA ASP A 279 24.22 -2.14 4.40
C ASP A 279 22.80 -2.38 4.90
N GLY A 280 21.84 -1.60 4.40
CA GLY A 280 20.45 -1.76 4.80
C GLY A 280 20.22 -1.66 6.29
N ARG A 281 21.05 -0.88 6.98
CA ARG A 281 20.93 -0.72 8.42
C ARG A 281 19.58 -0.19 8.89
N GLY A 282 19.09 0.85 8.23
CA GLY A 282 17.81 1.42 8.61
C GLY A 282 16.66 0.44 8.47
N ALA A 283 16.63 -0.27 7.36
CA ALA A 283 15.58 -1.26 7.10
C ALA A 283 15.67 -2.39 8.11
N THR A 284 16.90 -2.78 8.45
CA THR A 284 17.11 -3.85 9.43
C THR A 284 16.51 -3.42 10.77
N ARG A 285 16.79 -2.19 11.17
CA ARG A 285 16.29 -1.68 12.44
C ARG A 285 14.77 -1.53 12.44
N ALA A 286 14.19 -1.18 11.29
CA ALA A 286 12.74 -1.04 11.21
C ALA A 286 12.09 -2.38 11.48
N ILE A 287 12.65 -3.44 10.90
CA ILE A 287 12.11 -4.78 11.10
C ILE A 287 12.33 -5.20 12.55
N ALA A 288 13.56 -5.05 13.03
CA ALA A 288 13.87 -5.42 14.41
C ALA A 288 13.00 -4.68 15.42
N TRP A 289 12.81 -3.38 15.20
CA TRP A 289 12.02 -2.60 16.14
C TRP A 289 10.52 -2.84 16.04
N ALA A 290 10.05 -3.25 14.87
CA ALA A 290 8.62 -3.54 14.73
C ALA A 290 8.36 -4.76 15.58
N LEU A 291 9.31 -5.69 15.57
CA LEU A 291 9.19 -6.92 16.36
C LEU A 291 9.26 -6.58 17.85
N LYS A 292 10.20 -5.72 18.23
CA LYS A 292 10.33 -5.35 19.64
C LYS A 292 9.06 -4.64 20.10
N ASP A 293 8.50 -3.81 19.23
CA ASP A 293 7.28 -3.07 19.54
C ASP A 293 6.14 -4.05 19.80
N SER A 294 6.22 -5.22 19.16
CA SER A 294 5.21 -6.26 19.28
C SER A 294 5.52 -7.24 20.40
N GLY A 295 6.69 -7.11 21.00
CA GLY A 295 7.06 -8.04 22.05
C GLY A 295 7.23 -9.43 21.47
N LEU A 296 7.70 -9.50 20.22
CA LEU A 296 7.90 -10.77 19.54
C LEU A 296 9.35 -10.98 19.13
N LYS A 297 9.80 -12.22 19.17
CA LYS A 297 11.16 -12.58 18.77
C LYS A 297 11.15 -12.81 17.26
N PRO A 298 12.29 -12.59 16.59
CA PRO A 298 12.36 -12.78 15.15
C PRO A 298 11.90 -14.17 14.69
N GLU A 299 12.19 -15.18 15.50
CA GLU A 299 11.82 -16.55 15.19
C GLU A 299 10.31 -16.79 15.09
N MET A 300 9.53 -15.82 15.56
N MET A 300 9.53 -15.82 15.56
CA MET A 300 8.08 -15.91 15.53
CA MET A 300 8.08 -15.94 15.53
C MET A 300 7.49 -15.55 14.17
C MET A 300 7.48 -15.53 14.19
N VAL A 301 8.27 -14.85 13.36
CA VAL A 301 7.80 -14.43 12.05
C VAL A 301 7.50 -15.62 11.14
N SER A 302 6.36 -15.56 10.46
CA SER A 302 5.95 -16.61 9.54
C SER A 302 6.07 -16.15 8.10
N TYR A 303 5.69 -14.91 7.87
CA TYR A 303 5.67 -14.35 6.53
C TYR A 303 5.97 -12.85 6.50
N ILE A 304 6.60 -12.42 5.40
CA ILE A 304 6.90 -11.01 5.21
C ILE A 304 6.44 -10.59 3.83
N ASN A 305 5.55 -9.59 3.78
CA ASN A 305 5.12 -9.07 2.49
C ASN A 305 6.18 -7.99 2.27
N ALA A 306 7.14 -8.30 1.41
CA ALA A 306 8.24 -7.40 1.14
C ALA A 306 7.86 -6.14 0.38
N HIS A 307 8.72 -5.14 0.46
CA HIS A 307 8.50 -3.93 -0.28
C HIS A 307 8.72 -4.36 -1.74
N GLY A 308 9.82 -5.11 -1.95
CA GLY A 308 10.17 -5.65 -3.25
C GLY A 308 9.62 -4.94 -4.48
N THR A 309 10.16 -3.77 -4.76
CA THR A 309 9.70 -2.95 -5.88
C THR A 309 10.21 -3.36 -7.26
N SER A 310 11.18 -4.27 -7.29
CA SER A 310 11.77 -4.75 -8.54
C SER A 310 12.84 -3.78 -9.07
N THR A 311 13.40 -2.97 -8.19
CA THR A 311 14.47 -2.07 -8.60
C THR A 311 15.75 -2.78 -8.18
N PRO A 312 16.84 -2.57 -8.92
CA PRO A 312 18.11 -3.21 -8.60
C PRO A 312 18.55 -3.03 -7.14
N ALA A 313 18.54 -1.78 -6.68
CA ALA A 313 18.98 -1.47 -5.32
C ALA A 313 18.09 -1.94 -4.18
N ASN A 314 16.78 -1.76 -4.31
CA ASN A 314 15.87 -2.14 -3.23
C ASN A 314 15.83 -3.61 -2.87
N ASP A 315 15.56 -4.45 -3.86
CA ASP A 315 15.42 -5.88 -3.62
C ASP A 315 16.56 -6.57 -2.89
N VAL A 316 17.80 -6.23 -3.23
N VAL A 316 17.80 -6.20 -3.21
CA VAL A 316 18.94 -6.86 -2.57
CA VAL A 316 18.95 -6.80 -2.57
C VAL A 316 19.16 -6.27 -1.19
C VAL A 316 19.12 -6.25 -1.15
N THR A 317 18.93 -4.97 -1.06
N THR A 317 19.01 -4.94 -1.01
CA THR A 317 19.12 -4.30 0.22
CA THR A 317 19.15 -4.31 0.30
C THR A 317 18.07 -4.78 1.22
C THR A 317 18.06 -4.79 1.26
N GLU A 318 16.86 -5.00 0.74
CA GLU A 318 15.77 -5.47 1.59
C GLU A 318 16.05 -6.90 2.03
N THR A 319 16.54 -7.72 1.12
CA THR A 319 16.87 -9.10 1.44
C THR A 319 17.94 -9.10 2.52
N ARG A 320 18.93 -8.24 2.36
CA ARG A 320 20.00 -8.14 3.34
C ARG A 320 19.44 -7.73 4.70
N ALA A 321 18.51 -6.77 4.69
CA ALA A 321 17.88 -6.30 5.92
C ALA A 321 17.10 -7.41 6.63
N ILE A 322 16.36 -8.20 5.86
CA ILE A 322 15.57 -9.29 6.42
C ILE A 322 16.51 -10.32 7.05
N LYS A 323 17.61 -10.62 6.36
CA LYS A 323 18.58 -11.58 6.87
C LYS A 323 19.31 -11.06 8.12
N GLN A 324 19.57 -9.76 8.15
CA GLN A 324 20.26 -9.17 9.29
C GLN A 324 19.34 -9.07 10.49
N ALA A 325 18.05 -8.87 10.24
CA ALA A 325 17.08 -8.76 11.33
C ALA A 325 16.61 -10.10 11.88
N LEU A 326 16.45 -11.10 11.00
CA LEU A 326 15.96 -12.40 11.45
C LEU A 326 17.02 -13.48 11.61
N GLY A 327 18.24 -13.20 11.15
CA GLY A 327 19.28 -14.21 11.27
C GLY A 327 18.97 -15.41 10.39
N ASN A 328 19.34 -16.59 10.87
N ASN A 328 19.35 -16.59 10.86
CA ASN A 328 19.10 -17.82 10.12
CA ASN A 328 19.10 -17.83 10.12
C ASN A 328 17.63 -18.06 9.85
C ASN A 328 17.63 -18.06 9.85
N HIS A 329 16.76 -17.52 10.70
CA HIS A 329 15.33 -17.69 10.53
C HIS A 329 14.84 -17.12 9.20
N ALA A 330 15.61 -16.19 8.64
CA ALA A 330 15.22 -15.58 7.37
C ALA A 330 15.05 -16.64 6.28
N TYR A 331 15.82 -17.73 6.39
CA TYR A 331 15.74 -18.80 5.39
C TYR A 331 14.61 -19.78 5.68
N ASN A 332 13.95 -19.62 6.83
CA ASN A 332 12.88 -20.52 7.21
C ASN A 332 11.48 -19.90 7.14
N ILE A 333 11.38 -18.72 6.56
CA ILE A 333 10.10 -18.05 6.42
C ILE A 333 9.76 -17.92 4.94
N ALA A 334 8.56 -17.40 4.69
CA ALA A 334 8.13 -17.16 3.32
C ALA A 334 8.15 -15.64 3.16
N VAL A 335 8.64 -15.19 2.02
CA VAL A 335 8.70 -13.76 1.72
C VAL A 335 8.13 -13.62 0.32
N SER A 336 7.34 -12.57 0.08
CA SER A 336 6.84 -12.38 -1.27
C SER A 336 6.52 -10.92 -1.53
N SER A 337 6.65 -10.52 -2.79
CA SER A 337 6.32 -9.17 -3.18
C SER A 337 5.11 -9.23 -4.09
N THR A 338 4.01 -8.68 -3.61
CA THR A 338 2.79 -8.69 -4.40
C THR A 338 2.84 -7.62 -5.48
N LYS A 339 3.87 -6.78 -5.45
CA LYS A 339 4.04 -5.75 -6.47
C LYS A 339 4.34 -6.45 -7.79
N SER A 340 4.71 -7.71 -7.72
CA SER A 340 4.98 -8.49 -8.92
C SER A 340 3.71 -8.58 -9.75
N MET A 341 2.57 -8.55 -9.06
CA MET A 341 1.26 -8.66 -9.71
C MET A 341 0.54 -7.32 -9.88
N THR A 342 0.59 -6.49 -8.85
CA THR A 342 -0.11 -5.21 -8.85
C THR A 342 0.71 -4.02 -9.32
N GLY A 343 2.02 -4.15 -9.27
CA GLY A 343 2.87 -3.04 -9.63
C GLY A 343 3.05 -2.28 -8.32
N HIS A 344 3.82 -1.21 -8.37
CA HIS A 344 4.08 -0.39 -7.18
C HIS A 344 3.04 0.72 -7.11
N LEU A 345 2.13 0.63 -6.14
CA LEU A 345 1.08 1.65 -6.00
C LEU A 345 1.53 2.90 -5.25
N LEU A 346 2.83 3.02 -5.02
CA LEU A 346 3.38 4.18 -4.32
C LEU A 346 2.69 4.38 -2.97
N GLY A 347 2.02 5.50 -2.78
CA GLY A 347 1.36 5.75 -1.52
C GLY A 347 0.30 4.72 -1.18
N GLY A 348 -0.26 4.09 -2.21
CA GLY A 348 -1.28 3.08 -1.96
C GLY A 348 -0.71 1.70 -1.71
N SER A 349 0.57 1.51 -1.96
CA SER A 349 1.19 0.20 -1.78
C SER A 349 1.07 -0.34 -0.36
N GLY A 350 1.36 0.50 0.63
CA GLY A 350 1.27 0.06 2.01
C GLY A 350 -0.14 -0.35 2.38
N GLY A 351 -1.10 0.28 1.73
CA GLY A 351 -2.49 -0.04 1.99
C GLY A 351 -2.88 -1.40 1.46
N ILE A 352 -2.71 -1.64 0.16
CA ILE A 352 -3.09 -2.93 -0.38
C ILE A 352 -2.19 -4.06 0.11
N GLU A 353 -0.97 -3.74 0.51
CA GLU A 353 -0.07 -4.77 1.01
C GLU A 353 -0.42 -5.12 2.45
N ALA A 354 -0.94 -4.16 3.20
CA ALA A 354 -1.36 -4.44 4.57
C ALA A 354 -2.61 -5.33 4.43
N VAL A 355 -3.44 -5.04 3.45
CA VAL A 355 -4.64 -5.86 3.23
C VAL A 355 -4.22 -7.30 2.94
N ALA A 356 -3.24 -7.47 2.07
CA ALA A 356 -2.76 -8.80 1.71
C ALA A 356 -2.14 -9.52 2.91
N THR A 357 -1.41 -8.77 3.72
CA THR A 357 -0.75 -9.33 4.89
C THR A 357 -1.76 -9.82 5.93
N VAL A 358 -2.79 -9.01 6.17
CA VAL A 358 -3.81 -9.37 7.13
C VAL A 358 -4.60 -10.59 6.63
N MET A 359 -4.88 -10.62 5.33
CA MET A 359 -5.59 -11.75 4.75
C MET A 359 -4.76 -13.02 4.89
N ALA A 360 -3.45 -12.90 4.71
CA ALA A 360 -2.58 -14.06 4.83
C ALA A 360 -2.68 -14.63 6.24
N ILE A 361 -2.73 -13.76 7.25
CA ILE A 361 -2.84 -14.24 8.62
C ILE A 361 -4.13 -15.00 8.87
N ALA A 362 -5.22 -14.51 8.31
CA ALA A 362 -6.51 -15.15 8.50
C ALA A 362 -6.74 -16.37 7.63
N GLU A 363 -6.15 -16.39 6.44
CA GLU A 363 -6.35 -17.48 5.51
C GLU A 363 -5.28 -18.58 5.52
N ASP A 364 -4.16 -18.33 6.18
CA ASP A 364 -3.07 -19.28 6.21
C ASP A 364 -2.65 -19.66 4.79
N LYS A 365 -2.46 -18.63 3.99
CA LYS A 365 -2.03 -18.76 2.61
C LYS A 365 -1.26 -17.50 2.27
N VAL A 366 -0.17 -17.65 1.53
CA VAL A 366 0.63 -16.49 1.17
C VAL A 366 0.66 -16.32 -0.35
N PRO A 367 0.56 -15.05 -0.81
CA PRO A 367 0.58 -14.75 -2.24
C PRO A 367 2.00 -14.94 -2.79
N PRO A 368 2.10 -15.20 -4.09
CA PRO A 368 3.40 -15.41 -4.73
C PRO A 368 4.08 -14.14 -5.21
N THR A 369 5.33 -14.32 -5.62
CA THR A 369 6.09 -13.25 -6.25
C THR A 369 6.12 -13.83 -7.67
N ILE A 370 5.23 -13.34 -8.54
CA ILE A 370 5.22 -13.88 -9.89
C ILE A 370 6.39 -13.30 -10.69
N ASN A 371 6.61 -13.88 -11.87
CA ASN A 371 7.67 -13.48 -12.78
C ASN A 371 9.10 -13.74 -12.30
N LEU A 372 9.25 -14.31 -11.12
CA LEU A 372 10.58 -14.60 -10.58
C LEU A 372 11.14 -15.88 -11.16
N GLU A 373 12.18 -15.76 -11.99
CA GLU A 373 12.81 -16.92 -12.61
C GLU A 373 14.24 -17.15 -12.14
N ASN A 374 15.05 -16.11 -12.18
CA ASN A 374 16.45 -16.23 -11.75
C ASN A 374 16.84 -15.11 -10.78
N PRO A 375 16.70 -15.35 -9.47
CA PRO A 375 17.06 -14.32 -8.50
C PRO A 375 18.57 -14.10 -8.40
N ASP A 376 18.99 -12.88 -8.09
CA ASP A 376 20.41 -12.59 -7.95
C ASP A 376 20.95 -13.49 -6.84
N PRO A 377 22.26 -13.77 -6.86
CA PRO A 377 22.87 -14.63 -5.84
C PRO A 377 22.59 -14.10 -4.43
N GLU A 378 22.47 -12.78 -4.31
CA GLU A 378 22.22 -12.15 -3.02
C GLU A 378 20.76 -12.16 -2.59
N CYS A 379 19.86 -12.51 -3.51
CA CYS A 379 18.43 -12.60 -3.19
C CYS A 379 18.17 -14.10 -3.11
N ASP A 380 18.62 -14.70 -2.01
CA ASP A 380 18.52 -16.14 -1.83
C ASP A 380 17.48 -16.66 -0.83
N LEU A 381 16.41 -15.89 -0.60
CA LEU A 381 15.38 -16.34 0.32
C LEU A 381 14.26 -17.03 -0.47
N ASP A 382 13.27 -17.55 0.24
CA ASP A 382 12.14 -18.21 -0.42
C ASP A 382 11.10 -17.13 -0.69
N TYR A 383 11.05 -16.67 -1.93
CA TYR A 383 10.13 -15.61 -2.32
C TYR A 383 8.78 -16.08 -2.83
N VAL A 384 8.42 -17.32 -2.52
CA VAL A 384 7.16 -17.91 -2.96
C VAL A 384 6.93 -17.64 -4.45
N PRO A 385 7.87 -18.06 -5.29
CA PRO A 385 7.72 -17.84 -6.73
C PRO A 385 6.55 -18.59 -7.36
N GLY A 386 6.02 -18.03 -8.44
CA GLY A 386 4.95 -18.66 -9.19
C GLY A 386 3.53 -18.73 -8.65
N GLN A 387 3.30 -19.60 -7.68
CA GLN A 387 1.96 -19.77 -7.11
C GLN A 387 1.84 -19.51 -5.63
N SER A 388 0.63 -19.19 -5.20
CA SER A 388 0.35 -18.97 -3.80
C SER A 388 0.63 -20.28 -3.07
N ARG A 389 0.84 -20.21 -1.77
CA ARG A 389 1.16 -21.42 -1.02
C ARG A 389 0.48 -21.46 0.34
N ALA A 390 0.00 -22.64 0.72
CA ALA A 390 -0.63 -22.82 2.02
C ALA A 390 0.50 -22.73 3.04
N LEU A 391 0.27 -22.03 4.14
CA LEU A 391 1.29 -21.85 5.16
C LEU A 391 0.63 -21.30 6.41
N ILE A 392 1.01 -21.81 7.58
CA ILE A 392 0.44 -21.29 8.82
C ILE A 392 1.07 -19.92 9.03
N VAL A 393 0.25 -18.87 8.91
CA VAL A 393 0.76 -17.52 9.09
C VAL A 393 0.34 -17.01 10.45
N ASP A 394 1.21 -17.18 11.45
N ASP A 394 1.21 -17.18 11.44
CA ASP A 394 0.93 -16.73 12.81
CA ASP A 394 0.96 -16.77 12.81
C ASP A 394 1.31 -15.27 12.99
C ASP A 394 1.33 -15.30 13.03
N VAL A 395 2.46 -14.88 12.44
CA VAL A 395 2.95 -13.52 12.54
C VAL A 395 3.39 -13.10 11.15
N ALA A 396 2.95 -11.92 10.72
CA ALA A 396 3.33 -11.42 9.40
C ALA A 396 3.73 -9.96 9.45
N LEU A 397 4.75 -9.61 8.67
CA LEU A 397 5.23 -8.24 8.59
C LEU A 397 5.01 -7.68 7.20
N SER A 398 4.88 -6.37 7.10
CA SER A 398 4.73 -5.70 5.82
C SER A 398 5.78 -4.59 5.81
N ASN A 399 6.65 -4.59 4.80
CA ASN A 399 7.73 -3.60 4.70
C ASN A 399 7.46 -2.53 3.65
N SER A 400 7.87 -1.31 3.96
CA SER A 400 7.75 -0.18 3.04
C SER A 400 9.00 0.67 3.24
N PHE A 401 9.86 0.71 2.23
CA PHE A 401 11.08 1.49 2.30
C PHE A 401 10.99 2.51 1.17
N GLY A 402 10.32 3.62 1.45
CA GLY A 402 10.09 4.62 0.44
C GLY A 402 11.10 5.74 0.18
N PHE A 403 11.00 6.31 -1.01
CA PHE A 403 11.85 7.40 -1.42
C PHE A 403 11.71 8.48 -0.37
N GLY A 404 12.84 9.04 0.05
CA GLY A 404 12.82 10.06 1.08
C GLY A 404 13.57 9.52 2.29
N GLY A 405 13.84 8.22 2.26
CA GLY A 405 14.58 7.57 3.33
C GLY A 405 13.75 6.94 4.44
N HIS A 406 12.45 6.82 4.22
CA HIS A 406 11.53 6.26 5.20
C HIS A 406 11.53 4.74 5.22
N ASN A 407 11.90 4.16 6.35
CA ASN A 407 11.88 2.70 6.49
C ASN A 407 10.78 2.39 7.48
N VAL A 408 9.76 1.66 7.00
CA VAL A 408 8.63 1.33 7.85
C VAL A 408 8.29 -0.15 7.80
N THR A 409 7.99 -0.71 8.96
CA THR A 409 7.59 -2.10 9.04
C THR A 409 6.39 -2.19 9.96
N LEU A 410 5.36 -2.90 9.50
CA LEU A 410 4.15 -3.10 10.29
C LEU A 410 4.12 -4.58 10.67
N ALA A 411 3.61 -4.88 11.86
CA ALA A 411 3.53 -6.27 12.32
C ALA A 411 2.13 -6.64 12.75
N PHE A 412 1.68 -7.79 12.29
CA PHE A 412 0.34 -8.31 12.61
C PHE A 412 0.48 -9.76 13.06
N LYS A 413 -0.51 -10.25 13.80
CA LYS A 413 -0.49 -11.64 14.23
C LYS A 413 -1.90 -12.16 14.41
N LYS A 414 -2.05 -13.47 14.49
CA LYS A 414 -3.38 -14.06 14.67
C LYS A 414 -3.98 -13.54 15.97
N TYR A 415 -5.29 -13.31 15.96
CA TYR A 415 -5.95 -12.83 17.17
C TYR A 415 -6.26 -14.03 18.05
N GLN A 416 -5.79 -13.97 19.29
CA GLN A 416 -6.02 -15.02 20.27
C GLN A 416 -6.41 -14.34 21.58
#